data_4D8O
#
_entry.id   4D8O
#
_cell.length_a   75.674
_cell.length_b   80.056
_cell.length_c   94.988
_cell.angle_alpha   90.000
_cell.angle_beta   90.000
_cell.angle_gamma   90.000
#
_symmetry.space_group_name_H-M   'P 21 21 21'
#
loop_
_entity.id
_entity.type
_entity.pdbx_description
1 polymer Ankyrin-2
2 water water
#
_entity_poly.entity_id   1
_entity_poly.type   'polypeptide(L)'
_entity_poly.pdbx_seq_one_letter_code
;MHHHHHHSSGLEVLFQGPEFSGFLVSFMVDARGGAMRGCRHNGLRIIIPPRKCTAPTRVTCRLVKRHRLATMPPMVEGEG
LASRLIEVGPSGAQFLGPVIVEIPHFAALRGKERELVVLRSENGDSWKEHFCDYTEDELNEILNGMDEVLDSPEDLEKKR
ICRIITRDFPQYFAVVSRIKQDSNLIGPEGGVLSSTVVPQVQAVFPEGALTKRIRVGLQAQPMHSELVKKILGNKATFSP
IVTLEPRRRKFHKPITMTIPVPKASGDAPTLRLLCSITGGTTPAQWEDITGTTPLTFVNECVSFTTNVSARFWLIDCRQI
QESVTFASQVYREIICVPYMAKFVVFAKSHDPIEARLRCFCMTDDKVDKTLEQQENFAEVARSRDVEVLEGKPIYVDCFG
NLVPLTKSGQHHIFSFFAFKENRLPLFVKVRDTTQEPCGRLSFMKEPKSTRGLVHQAICNLNITLPIYTKESESDQEQEE
EIDMTSEKNPQDEQERIEERLAYIADHLGFSWTELARELDFTEEQIHQIRIENPNSLQDQSHALLKYWLERDGKHATDTN
LVECLTKINRMDIVHLMETNT
;
_entity_poly.pdbx_strand_id   A
#
# COMPACT_ATOMS: atom_id res chain seq x y z
N GLU A 19 7.86 17.92 3.41
CA GLU A 19 8.84 17.46 2.42
C GLU A 19 9.56 16.20 2.92
N PHE A 20 10.17 16.29 4.09
CA PHE A 20 10.85 15.16 4.70
C PHE A 20 10.38 14.97 6.13
N SER A 21 10.60 13.77 6.66
CA SER A 21 10.48 13.53 8.08
C SER A 21 11.60 14.31 8.76
N GLY A 22 11.60 14.33 10.08
CA GLY A 22 12.73 14.88 10.80
C GLY A 22 13.90 13.96 10.53
N PHE A 23 15.13 14.45 10.73
CA PHE A 23 16.28 13.55 10.63
C PHE A 23 16.09 12.43 11.65
N LEU A 24 15.97 11.21 11.16
CA LEU A 24 15.72 10.07 12.02
C LEU A 24 17.04 9.58 12.60
N VAL A 25 18.09 9.68 11.80
CA VAL A 25 19.42 9.27 12.20
C VAL A 25 20.41 10.32 11.73
N SER A 26 21.33 10.70 12.61
CA SER A 26 22.40 11.62 12.26
C SER A 26 23.52 11.52 13.27
N PHE A 27 24.66 11.00 12.84
CA PHE A 27 25.79 10.82 13.73
C PHE A 27 27.11 10.76 12.97
N MET A 28 28.19 11.10 13.66
CA MET A 28 29.52 11.05 13.10
C MET A 28 30.11 9.65 13.24
N VAL A 29 30.86 9.24 12.23
CA VAL A 29 31.51 7.95 12.24
C VAL A 29 32.88 8.04 11.57
N ASP A 30 33.82 7.22 12.01
CA ASP A 30 35.12 7.11 11.35
C ASP A 30 35.56 5.66 11.30
N ALA A 31 36.87 5.44 11.32
CA ALA A 31 37.44 4.10 11.24
C ALA A 31 36.96 3.19 12.37
N ARG A 32 36.58 3.79 13.49
CA ARG A 32 36.12 2.99 14.62
C ARG A 32 34.74 2.40 14.35
N GLY A 33 34.05 2.97 13.36
CA GLY A 33 32.71 2.54 13.03
C GLY A 33 31.70 3.04 14.05
N GLY A 34 30.43 2.72 13.83
CA GLY A 34 29.38 3.16 14.72
C GLY A 34 28.02 2.70 14.22
N ALA A 35 27.02 2.76 15.10
CA ALA A 35 25.68 2.35 14.75
C ALA A 35 24.68 3.24 15.47
N MET A 36 23.56 3.53 14.83
CA MET A 36 22.49 4.27 15.49
C MET A 36 21.11 3.89 15.00
N ARG A 37 20.16 3.84 15.92
CA ARG A 37 18.77 3.56 15.58
C ARG A 37 18.01 4.87 15.39
N GLY A 38 17.04 4.86 14.48
CA GLY A 38 16.22 6.02 14.23
C GLY A 38 15.50 6.49 15.48
N CYS A 39 15.06 7.75 15.47
CA CYS A 39 14.45 8.33 16.67
C CYS A 39 12.93 8.22 16.69
N ARG A 40 12.35 7.64 15.64
CA ARG A 40 10.89 7.46 15.59
C ARG A 40 10.49 5.99 15.58
N HIS A 41 10.53 5.35 14.41
CA HIS A 41 10.34 3.91 14.37
C HIS A 41 11.65 3.21 14.75
N ASN A 42 11.62 2.51 15.89
CA ASN A 42 12.83 1.94 16.46
C ASN A 42 13.55 0.92 15.58
N GLY A 43 12.83 0.33 14.64
CA GLY A 43 13.42 -0.66 13.76
C GLY A 43 14.42 -0.05 12.79
N LEU A 44 14.25 1.24 12.50
CA LEU A 44 15.15 1.90 11.57
C LEU A 44 16.52 1.96 12.23
N ARG A 45 17.55 1.61 11.47
CA ARG A 45 18.87 1.41 12.04
C ARG A 45 19.93 1.46 10.95
N ILE A 46 21.07 2.07 11.27
CA ILE A 46 22.21 2.11 10.37
C ILE A 46 23.46 1.64 11.10
N ILE A 47 24.17 0.68 10.51
CA ILE A 47 25.43 0.22 11.09
C ILE A 47 26.59 0.39 10.13
N ILE A 48 27.58 1.18 10.56
CA ILE A 48 28.84 1.32 9.83
C ILE A 48 29.92 0.56 10.60
N PRO A 49 30.33 -0.61 10.08
CA PRO A 49 31.36 -1.39 10.77
C PRO A 49 32.69 -0.64 10.84
N PRO A 50 33.61 -1.12 11.69
CA PRO A 50 34.93 -0.47 11.78
C PRO A 50 35.71 -0.52 10.47
N ARG A 51 36.58 0.47 10.28
CA ARG A 51 37.49 0.54 9.13
C ARG A 51 36.78 0.47 7.77
N LYS A 52 35.60 1.09 7.70
CA LYS A 52 34.90 1.21 6.42
C LYS A 52 35.08 2.60 5.84
N CYS A 53 35.78 3.46 6.58
CA CYS A 53 36.15 4.80 6.12
C CYS A 53 37.36 5.28 6.91
N THR A 54 38.02 6.31 6.40
CA THR A 54 39.28 6.77 6.96
C THR A 54 39.23 8.22 7.44
N ALA A 55 38.10 8.87 7.23
CA ALA A 55 37.89 10.23 7.71
C ALA A 55 36.51 10.34 8.33
N PRO A 56 36.31 11.32 9.23
CA PRO A 56 35.01 11.51 9.87
C PRO A 56 33.92 11.80 8.84
N THR A 57 32.77 11.15 9.00
CA THR A 57 31.67 11.27 8.05
C THR A 57 30.33 11.36 8.77
N ARG A 58 29.56 12.39 8.45
CA ARG A 58 28.22 12.56 9.02
C ARG A 58 27.17 11.73 8.28
N VAL A 59 26.79 10.60 8.86
CA VAL A 59 25.81 9.70 8.27
C VAL A 59 24.40 10.07 8.72
N THR A 60 23.48 10.18 7.77
CA THR A 60 22.12 10.61 8.06
C THR A 60 21.10 9.72 7.38
N CYS A 61 19.86 9.78 7.87
CA CYS A 61 18.78 9.07 7.22
C CYS A 61 17.46 9.79 7.50
N ARG A 62 16.66 9.91 6.45
CA ARG A 62 15.32 10.48 6.52
C ARG A 62 14.40 9.71 5.60
N LEU A 63 13.11 9.76 5.88
CA LEU A 63 12.11 9.21 4.98
C LEU A 63 11.43 10.35 4.25
N VAL A 64 11.26 10.20 2.95
CA VAL A 64 10.57 11.19 2.14
C VAL A 64 9.07 11.17 2.46
N LYS A 65 8.59 12.28 2.99
CA LYS A 65 7.23 12.36 3.53
C LYS A 65 6.21 12.68 2.45
N ARG A 66 6.61 13.50 1.49
CA ARG A 66 5.75 13.78 0.34
C ARG A 66 5.20 12.44 -0.19
N HIS A 67 3.92 12.43 -0.57
CA HIS A 67 3.35 11.21 -1.13
C HIS A 67 4.06 10.86 -2.44
N ARG A 68 4.76 11.84 -3.00
CA ARG A 68 5.58 11.62 -4.18
C ARG A 68 6.63 12.71 -4.35
N LEU A 69 7.73 12.36 -5.00
CA LEU A 69 8.70 13.34 -5.45
C LEU A 69 8.47 13.61 -6.93
N ALA A 70 9.40 14.34 -7.54
CA ALA A 70 9.30 14.60 -8.98
C ALA A 70 9.28 13.30 -9.76
N THR A 71 10.18 12.39 -9.41
CA THR A 71 10.26 11.11 -10.12
C THR A 71 10.18 9.92 -9.16
N MET A 72 9.11 9.16 -9.29
CA MET A 72 8.91 7.95 -8.51
C MET A 72 9.52 6.76 -9.23
N PRO A 73 9.83 5.69 -8.48
CA PRO A 73 10.22 4.44 -9.14
C PRO A 73 9.10 3.97 -10.06
N PRO A 74 9.43 3.57 -11.29
CA PRO A 74 8.40 3.03 -12.20
C PRO A 74 7.90 1.70 -11.68
N MET A 75 6.60 1.59 -11.48
CA MET A 75 6.01 0.34 -10.99
C MET A 75 4.83 -0.10 -11.84
N VAL A 76 4.71 -1.40 -12.02
CA VAL A 76 3.67 -1.98 -12.84
C VAL A 76 2.62 -2.60 -11.94
N GLU A 77 1.52 -3.06 -12.54
CA GLU A 77 0.45 -3.71 -11.79
C GLU A 77 1.04 -4.74 -10.84
N GLY A 78 0.55 -4.76 -9.61
CA GLY A 78 0.99 -5.74 -8.64
C GLY A 78 2.22 -5.33 -7.85
N GLU A 79 2.70 -4.10 -8.07
CA GLU A 79 3.87 -3.59 -7.35
C GLU A 79 3.50 -2.36 -6.54
N GLY A 80 4.25 -2.12 -5.47
CA GLY A 80 4.04 -0.95 -4.64
C GLY A 80 5.17 -0.76 -3.64
N LEU A 81 5.41 0.51 -3.27
CA LEU A 81 6.34 0.84 -2.21
C LEU A 81 6.03 0.09 -0.92
N ALA A 82 7.05 -0.58 -0.37
CA ALA A 82 6.91 -1.25 0.92
C ALA A 82 7.21 -0.26 2.04
N SER A 83 7.86 0.83 1.66
CA SER A 83 8.27 1.89 2.58
C SER A 83 8.31 3.20 1.82
N ARG A 84 8.29 4.31 2.56
CA ARG A 84 8.52 5.59 1.93
C ARG A 84 9.95 5.61 1.44
N LEU A 85 10.21 6.43 0.41
CA LEU A 85 11.55 6.62 -0.13
C LEU A 85 12.51 6.95 1.00
N ILE A 86 13.70 6.37 0.96
CA ILE A 86 14.69 6.55 2.01
C ILE A 86 15.88 7.36 1.51
N GLU A 87 16.19 8.45 2.20
CA GLU A 87 17.38 9.24 1.90
C GLU A 87 18.46 8.96 2.94
N VAL A 88 19.53 8.32 2.51
CA VAL A 88 20.66 8.03 3.39
C VAL A 88 21.82 8.91 2.95
N GLY A 89 22.21 9.84 3.82
CA GLY A 89 23.26 10.80 3.49
C GLY A 89 24.59 10.50 4.17
N PRO A 90 25.68 11.09 3.65
CA PRO A 90 25.67 12.00 2.51
C PRO A 90 25.54 11.23 1.22
N SER A 91 24.68 11.69 0.32
CA SER A 91 24.53 10.99 -0.95
C SER A 91 25.90 11.01 -1.64
N GLY A 92 26.29 9.87 -2.20
CA GLY A 92 27.54 9.76 -2.91
C GLY A 92 28.67 9.19 -2.07
N ALA A 93 28.47 9.13 -0.75
CA ALA A 93 29.49 8.59 0.13
C ALA A 93 29.81 7.15 -0.23
N GLN A 94 31.08 6.78 -0.11
CA GLN A 94 31.52 5.42 -0.38
C GLN A 94 32.21 4.84 0.84
N PHE A 95 32.27 3.51 0.92
CA PHE A 95 32.86 2.88 2.08
C PHE A 95 33.78 1.77 1.61
N LEU A 96 34.78 1.45 2.43
CA LEU A 96 35.79 0.45 2.07
C LEU A 96 35.21 -0.95 2.06
N GLY A 97 34.01 -1.08 2.60
CA GLY A 97 33.33 -2.36 2.67
C GLY A 97 31.84 -2.17 2.86
N PRO A 98 31.07 -3.26 2.82
CA PRO A 98 29.62 -3.16 2.96
C PRO A 98 29.21 -2.55 4.30
N VAL A 99 28.19 -1.70 4.27
CA VAL A 99 27.61 -1.18 5.50
C VAL A 99 26.13 -1.55 5.49
N ILE A 100 25.48 -1.39 6.63
CA ILE A 100 24.11 -1.89 6.82
C ILE A 100 23.08 -0.79 7.03
N VAL A 101 22.02 -0.84 6.25
CA VAL A 101 20.89 0.08 6.41
C VAL A 101 19.59 -0.69 6.60
N GLU A 102 18.99 -0.56 7.79
CA GLU A 102 17.77 -1.30 8.11
C GLU A 102 16.53 -0.42 8.13
N ILE A 103 15.55 -0.81 7.33
CA ILE A 103 14.34 -0.03 7.09
C ILE A 103 13.09 -0.85 7.43
N PRO A 104 12.26 -0.33 8.35
CA PRO A 104 10.94 -0.94 8.62
C PRO A 104 10.06 -0.81 7.38
N HIS A 105 9.40 -1.89 6.97
CA HIS A 105 8.49 -1.83 5.83
C HIS A 105 7.10 -2.29 6.23
N PHE A 106 6.17 -2.25 5.29
CA PHE A 106 4.77 -2.48 5.62
C PHE A 106 4.07 -3.28 4.55
N ALA A 107 4.86 -4.00 3.75
CA ALA A 107 4.33 -4.93 2.78
C ALA A 107 4.03 -6.25 3.48
N ALA A 108 2.86 -6.83 3.20
CA ALA A 108 2.59 -8.21 3.55
C ALA A 108 3.22 -9.07 2.47
N LEU A 109 4.14 -9.95 2.86
CA LEU A 109 4.90 -10.72 1.88
C LEU A 109 4.30 -12.11 1.61
N ARG A 110 3.34 -12.50 2.44
CA ARG A 110 2.64 -13.77 2.27
C ARG A 110 3.58 -14.96 2.09
N GLY A 111 4.50 -15.11 3.03
CA GLY A 111 5.49 -16.16 2.94
C GLY A 111 6.51 -15.82 1.88
N LYS A 112 6.60 -16.66 0.86
CA LYS A 112 7.58 -16.43 -0.21
C LYS A 112 6.93 -15.91 -1.49
N GLU A 113 5.63 -15.63 -1.43
CA GLU A 113 4.89 -15.20 -2.63
C GLU A 113 5.38 -13.86 -3.15
N ARG A 114 5.61 -12.93 -2.24
CA ARG A 114 6.16 -11.62 -2.59
C ARG A 114 7.56 -11.45 -2.04
N GLU A 115 8.33 -10.60 -2.70
CA GLU A 115 9.66 -10.28 -2.25
C GLU A 115 9.80 -8.77 -2.24
N LEU A 116 10.78 -8.30 -1.48
CA LEU A 116 11.15 -6.89 -1.53
C LEU A 116 12.25 -6.76 -2.56
N VAL A 117 12.20 -5.70 -3.36
CA VAL A 117 13.29 -5.40 -4.26
C VAL A 117 13.75 -3.99 -3.94
N VAL A 118 15.07 -3.82 -3.82
CA VAL A 118 15.62 -2.51 -3.50
C VAL A 118 16.05 -1.77 -4.75
N LEU A 119 15.55 -0.56 -4.92
CA LEU A 119 15.96 0.31 -6.01
C LEU A 119 16.74 1.51 -5.46
N ARG A 120 17.52 2.15 -6.32
CA ARG A 120 18.33 3.30 -5.95
C ARG A 120 18.32 4.36 -7.04
N SER A 121 18.48 5.61 -6.64
CA SER A 121 18.58 6.72 -7.58
C SER A 121 19.75 7.61 -7.18
N GLU A 122 20.73 7.74 -8.09
CA GLU A 122 21.92 8.51 -7.80
C GLU A 122 21.60 9.99 -7.63
N ASN A 123 20.78 10.52 -8.52
CA ASN A 123 20.57 11.96 -8.61
C ASN A 123 19.13 12.38 -8.35
N GLY A 124 18.30 11.44 -7.95
CA GLY A 124 16.89 11.72 -7.73
C GLY A 124 16.09 11.58 -9.00
N ASP A 125 16.79 11.54 -10.14
CA ASP A 125 16.13 11.49 -11.44
C ASP A 125 15.70 10.07 -11.83
N SER A 126 16.66 9.20 -12.14
CA SER A 126 16.34 7.86 -12.63
C SER A 126 16.58 6.78 -11.58
N TRP A 127 15.95 5.62 -11.79
CA TRP A 127 16.04 4.50 -10.84
C TRP A 127 16.66 3.26 -11.46
N LYS A 128 17.34 2.47 -10.64
CA LYS A 128 17.85 1.17 -11.06
C LYS A 128 17.86 0.22 -9.87
N GLU A 129 17.90 -1.08 -10.15
CA GLU A 129 17.97 -2.06 -9.07
C GLU A 129 19.32 -2.02 -8.34
N HIS A 130 19.27 -2.13 -7.02
CA HIS A 130 20.47 -2.12 -6.21
C HIS A 130 21.01 -3.53 -5.99
N PHE A 131 22.30 -3.72 -6.25
CA PHE A 131 22.95 -4.97 -5.93
C PHE A 131 24.19 -4.70 -5.10
N CYS A 132 24.57 -5.65 -4.25
CA CYS A 132 25.82 -5.56 -3.50
C CYS A 132 26.28 -6.94 -3.04
N ASP A 133 27.41 -7.40 -3.56
CA ASP A 133 27.95 -8.68 -3.15
C ASP A 133 28.64 -8.55 -1.80
N TYR A 134 28.61 -9.62 -1.01
CA TYR A 134 29.25 -9.61 0.30
C TYR A 134 29.79 -10.99 0.67
N GLY A 145 33.80 -6.90 13.84
CA GLY A 145 34.12 -6.86 15.25
C GLY A 145 33.32 -5.78 15.97
N MET A 146 32.02 -5.99 16.04
CA MET A 146 31.13 -4.98 16.62
C MET A 146 30.21 -5.61 17.66
N ASP A 147 29.74 -4.80 18.60
CA ASP A 147 28.89 -5.28 19.69
C ASP A 147 27.42 -5.22 19.32
N GLU A 148 27.13 -5.16 18.02
CA GLU A 148 25.76 -5.08 17.53
C GLU A 148 25.23 -6.47 17.20
N VAL A 149 23.93 -6.68 17.40
CA VAL A 149 23.33 -7.98 17.11
C VAL A 149 22.30 -7.90 15.99
N LEU A 150 22.52 -8.70 14.96
CA LEU A 150 21.70 -8.67 13.77
C LEU A 150 20.66 -9.79 13.82
N ASP A 151 19.42 -9.44 13.52
CA ASP A 151 18.34 -10.42 13.48
C ASP A 151 18.63 -11.51 12.47
N SER A 152 18.07 -12.68 12.69
CA SER A 152 18.13 -13.75 11.71
C SER A 152 17.09 -13.48 10.64
N PRO A 153 17.24 -14.08 9.46
CA PRO A 153 16.24 -13.90 8.41
C PRO A 153 14.81 -13.99 8.96
N GLU A 154 14.56 -15.00 9.79
CA GLU A 154 13.24 -15.18 10.40
C GLU A 154 12.82 -13.97 11.23
N ASP A 155 13.72 -13.47 12.07
CA ASP A 155 13.45 -12.28 12.87
C ASP A 155 13.11 -11.08 12.00
N LEU A 156 13.91 -10.86 10.96
CA LEU A 156 13.68 -9.74 10.04
C LEU A 156 12.29 -9.83 9.42
N GLU A 157 11.92 -11.03 8.97
CA GLU A 157 10.63 -11.25 8.35
C GLU A 157 9.52 -10.96 9.34
N LYS A 158 9.71 -11.44 10.57
CA LYS A 158 8.74 -11.23 11.64
C LYS A 158 8.49 -9.76 11.90
N LYS A 159 9.57 -8.99 12.03
CA LYS A 159 9.45 -7.58 12.36
C LYS A 159 9.28 -6.70 11.13
N ARG A 160 9.32 -7.32 9.96
CA ARG A 160 9.23 -6.58 8.69
C ARG A 160 10.28 -5.47 8.62
N ILE A 161 11.54 -5.89 8.69
CA ILE A 161 12.64 -4.99 8.51
C ILE A 161 13.36 -5.38 7.23
N CYS A 162 13.60 -4.41 6.37
CA CYS A 162 14.37 -4.66 5.16
C CYS A 162 15.83 -4.31 5.44
N ARG A 163 16.72 -5.30 5.30
CA ARG A 163 18.13 -5.02 5.50
C ARG A 163 18.79 -4.77 4.14
N ILE A 164 19.07 -3.50 3.87
CA ILE A 164 19.81 -3.11 2.68
C ILE A 164 21.29 -3.15 2.98
N ILE A 165 22.03 -3.97 2.25
CA ILE A 165 23.48 -4.00 2.36
C ILE A 165 24.07 -3.24 1.18
N THR A 166 24.97 -2.29 1.46
CA THR A 166 25.53 -1.43 0.42
C THR A 166 26.95 -0.93 0.72
N ARG A 167 27.71 -0.62 -0.33
CA ARG A 167 29.05 -0.05 -0.19
C ARG A 167 29.08 1.45 -0.46
N ASP A 168 27.90 2.03 -0.71
CA ASP A 168 27.81 3.47 -0.98
C ASP A 168 26.37 3.96 -0.88
N PHE A 169 26.21 5.27 -0.74
CA PHE A 169 24.90 5.88 -0.55
C PHE A 169 24.42 6.63 -1.78
N PRO A 170 23.34 6.13 -2.39
CA PRO A 170 22.71 6.89 -3.47
C PRO A 170 21.96 8.07 -2.86
N GLN A 171 21.39 8.94 -3.69
CA GLN A 171 20.49 9.96 -3.17
C GLN A 171 19.28 9.29 -2.49
N TYR A 172 18.65 8.35 -3.20
CA TYR A 172 17.44 7.67 -2.70
C TYR A 172 17.48 6.15 -2.83
N PHE A 173 16.98 5.47 -1.82
CA PHE A 173 16.66 4.05 -1.91
C PHE A 173 15.14 3.97 -1.95
N ALA A 174 14.64 2.98 -2.67
CA ALA A 174 13.23 2.64 -2.64
C ALA A 174 13.11 1.14 -2.45
N VAL A 175 12.23 0.74 -1.54
CA VAL A 175 11.96 -0.67 -1.29
C VAL A 175 10.60 -1.00 -1.89
N VAL A 176 10.57 -1.95 -2.82
CA VAL A 176 9.37 -2.22 -3.61
C VAL A 176 8.90 -3.64 -3.38
N SER A 177 7.59 -3.77 -3.09
CA SER A 177 6.95 -5.07 -2.98
C SER A 177 6.44 -5.56 -4.33
N ARG A 178 6.85 -6.76 -4.73
CA ARG A 178 6.36 -7.39 -5.94
C ARG A 178 6.26 -8.90 -5.78
N ILE A 179 5.48 -9.53 -6.65
CA ILE A 179 5.46 -10.99 -6.73
C ILE A 179 6.86 -11.50 -7.02
N LYS A 180 7.27 -12.53 -6.27
CA LYS A 180 8.62 -13.09 -6.41
C LYS A 180 8.97 -13.27 -7.89
N GLN A 181 10.16 -12.79 -8.27
CA GLN A 181 10.60 -12.93 -9.65
C GLN A 181 11.89 -13.72 -9.76
N ASP A 182 11.83 -14.84 -10.47
CA ASP A 182 13.02 -15.59 -10.81
C ASP A 182 13.49 -15.07 -12.15
N SER A 183 14.78 -14.82 -12.28
CA SER A 183 15.31 -14.30 -13.53
C SER A 183 16.66 -14.91 -13.84
N ASN A 184 16.98 -14.95 -15.12
CA ASN A 184 18.24 -15.49 -15.58
C ASN A 184 18.59 -14.81 -16.89
N LEU A 185 19.89 -14.75 -17.19
CA LEU A 185 20.32 -14.21 -18.47
C LEU A 185 20.26 -15.35 -19.49
N ILE A 186 19.41 -15.20 -20.49
CA ILE A 186 19.29 -16.22 -21.54
C ILE A 186 19.68 -15.66 -22.90
N GLY A 187 20.45 -16.43 -23.67
CA GLY A 187 20.89 -16.01 -24.98
C GLY A 187 20.45 -16.96 -26.07
N PRO A 188 21.04 -16.83 -27.27
CA PRO A 188 20.72 -17.67 -28.43
C PRO A 188 20.89 -19.16 -28.15
N GLU A 189 21.77 -19.50 -27.21
CA GLU A 189 22.02 -20.89 -26.86
C GLU A 189 20.78 -21.54 -26.25
N GLY A 190 19.85 -20.70 -25.80
CA GLY A 190 18.64 -21.18 -25.15
C GLY A 190 18.85 -21.32 -23.65
N GLY A 191 17.84 -21.83 -22.98
CA GLY A 191 17.90 -22.03 -21.54
C GLY A 191 16.54 -22.35 -20.95
N VAL A 192 16.47 -22.42 -19.63
CA VAL A 192 15.21 -22.73 -18.96
C VAL A 192 15.04 -21.87 -17.72
N LEU A 193 13.83 -21.33 -17.56
CA LEU A 193 13.52 -20.45 -16.44
C LEU A 193 12.47 -21.14 -15.58
N SER A 194 12.83 -21.40 -14.32
CA SER A 194 11.98 -22.14 -13.41
C SER A 194 11.55 -21.31 -12.21
N SER A 195 10.26 -21.38 -11.89
CA SER A 195 9.72 -20.70 -10.71
C SER A 195 10.24 -21.35 -9.42
N THR A 196 10.65 -20.52 -8.47
CA THR A 196 11.09 -21.05 -7.17
C THR A 196 9.90 -21.17 -6.23
N VAL A 197 8.88 -20.36 -6.46
CA VAL A 197 7.68 -20.39 -5.64
C VAL A 197 6.69 -21.48 -6.09
N VAL A 198 6.49 -21.62 -7.38
CA VAL A 198 5.69 -22.74 -7.90
C VAL A 198 6.55 -23.52 -8.88
N PRO A 199 7.27 -24.52 -8.38
CA PRO A 199 8.35 -25.15 -9.14
C PRO A 199 7.91 -25.83 -10.44
N GLN A 200 6.62 -26.08 -10.60
CA GLN A 200 6.13 -26.67 -11.84
C GLN A 200 6.04 -25.62 -12.94
N VAL A 201 5.79 -24.38 -12.56
CA VAL A 201 5.79 -23.27 -13.51
C VAL A 201 7.19 -23.12 -14.12
N GLN A 202 7.23 -22.94 -15.44
CA GLN A 202 8.47 -23.09 -16.17
C GLN A 202 8.33 -22.47 -17.56
N ALA A 203 9.42 -21.87 -18.04
CA ALA A 203 9.47 -21.38 -19.41
C ALA A 203 10.79 -21.84 -20.04
N VAL A 204 10.68 -22.58 -21.13
CA VAL A 204 11.88 -23.09 -21.79
C VAL A 204 12.13 -22.34 -23.09
N PHE A 205 13.34 -21.80 -23.21
CA PHE A 205 13.75 -21.08 -24.40
C PHE A 205 14.66 -21.96 -25.27
N PRO A 206 14.18 -22.33 -26.46
CA PRO A 206 14.99 -23.12 -27.40
C PRO A 206 16.18 -22.30 -27.93
N GLU A 207 17.19 -22.98 -28.47
CA GLU A 207 18.28 -22.28 -29.13
C GLU A 207 17.71 -21.54 -30.33
N GLY A 208 18.03 -20.26 -30.44
CA GLY A 208 17.55 -19.46 -31.55
C GLY A 208 16.36 -18.58 -31.18
N ALA A 209 15.78 -18.82 -30.00
CA ALA A 209 14.65 -18.01 -29.53
C ALA A 209 15.07 -16.55 -29.37
N LEU A 210 16.27 -16.34 -28.85
CA LEU A 210 16.83 -15.00 -28.75
C LEU A 210 18.09 -14.89 -29.61
N THR A 211 18.40 -13.69 -30.07
CA THR A 211 19.60 -13.47 -30.87
C THR A 211 20.64 -12.70 -30.06
N LYS A 212 20.33 -12.49 -28.77
CA LYS A 212 21.22 -11.79 -27.85
C LYS A 212 20.97 -12.28 -26.44
N ARG A 213 21.97 -12.16 -25.57
CA ARG A 213 21.77 -12.52 -24.18
C ARG A 213 20.95 -11.45 -23.48
N ILE A 214 19.75 -11.83 -23.07
CA ILE A 214 18.79 -10.92 -22.45
C ILE A 214 18.37 -11.46 -21.08
N ARG A 215 18.17 -10.56 -20.12
CA ARG A 215 17.65 -10.97 -18.83
C ARG A 215 16.13 -11.14 -18.89
N VAL A 216 15.67 -12.37 -18.76
CA VAL A 216 14.24 -12.65 -18.74
C VAL A 216 13.78 -12.95 -17.32
N GLY A 217 12.58 -12.49 -16.98
CA GLY A 217 12.02 -12.72 -15.66
C GLY A 217 10.76 -13.59 -15.70
N LEU A 218 10.58 -14.37 -14.65
CA LEU A 218 9.41 -15.22 -14.50
C LEU A 218 8.78 -15.03 -13.13
N GLN A 219 7.46 -14.81 -13.12
CA GLN A 219 6.71 -14.71 -11.89
C GLN A 219 5.52 -15.65 -11.91
N ALA A 220 5.18 -16.18 -10.73
CA ALA A 220 4.03 -17.04 -10.56
C ALA A 220 3.30 -16.63 -9.29
N GLN A 221 2.13 -16.04 -9.44
CA GLN A 221 1.34 -15.63 -8.29
C GLN A 221 0.26 -16.68 -7.98
N PRO A 222 0.43 -17.45 -6.90
CA PRO A 222 -0.54 -18.50 -6.56
C PRO A 222 -1.91 -17.93 -6.19
N MET A 223 -2.93 -18.78 -6.26
CA MET A 223 -4.27 -18.39 -5.84
C MET A 223 -4.47 -18.75 -4.39
N HIS A 224 -5.45 -18.09 -3.77
CA HIS A 224 -5.89 -18.47 -2.45
C HIS A 224 -7.39 -18.72 -2.53
N SER A 225 -7.77 -19.99 -2.45
CA SER A 225 -9.16 -20.43 -2.57
C SER A 225 -10.11 -19.48 -1.86
N GLU A 226 -9.78 -19.15 -0.61
CA GLU A 226 -10.62 -18.30 0.22
C GLU A 226 -11.05 -17.02 -0.48
N LEU A 227 -10.10 -16.28 -1.04
CA LEU A 227 -10.43 -15.00 -1.66
C LEU A 227 -11.20 -15.20 -2.95
N VAL A 228 -10.77 -16.17 -3.76
CA VAL A 228 -11.46 -16.47 -4.99
C VAL A 228 -12.92 -16.84 -4.69
N LYS A 229 -13.11 -17.76 -3.74
CA LYS A 229 -14.46 -18.21 -3.42
C LYS A 229 -15.30 -17.04 -2.90
N LYS A 230 -14.64 -16.08 -2.27
CA LYS A 230 -15.33 -14.90 -1.75
C LYS A 230 -15.72 -13.96 -2.89
N ILE A 231 -15.07 -14.12 -4.04
CA ILE A 231 -15.36 -13.27 -5.19
C ILE A 231 -16.32 -13.97 -6.15
N LEU A 232 -16.11 -15.28 -6.35
CA LEU A 232 -16.78 -16.03 -7.41
C LEU A 232 -17.58 -17.22 -6.89
N GLY A 233 -17.50 -17.49 -5.60
CA GLY A 233 -18.06 -18.71 -5.05
C GLY A 233 -17.34 -19.92 -5.63
N ASN A 234 -18.10 -20.86 -6.17
CA ASN A 234 -17.48 -22.03 -6.81
C ASN A 234 -17.57 -21.96 -8.35
N LYS A 235 -17.89 -20.79 -8.87
CA LYS A 235 -18.05 -20.60 -10.32
C LYS A 235 -16.76 -20.85 -11.13
N ALA A 236 -15.60 -20.76 -10.46
CA ALA A 236 -14.34 -20.98 -11.15
C ALA A 236 -13.19 -21.22 -10.18
N THR A 237 -12.21 -21.99 -10.63
CA THR A 237 -10.93 -22.04 -9.94
C THR A 237 -9.83 -21.66 -10.94
N PHE A 238 -8.66 -21.33 -10.42
CA PHE A 238 -7.57 -20.82 -11.26
C PHE A 238 -6.24 -21.47 -10.97
N SER A 239 -5.33 -21.39 -11.94
CA SER A 239 -3.94 -21.72 -11.75
C SER A 239 -3.23 -20.46 -11.22
N PRO A 240 -1.92 -20.56 -10.98
CA PRO A 240 -1.17 -19.34 -10.68
C PRO A 240 -1.20 -18.39 -11.86
N ILE A 241 -1.07 -17.09 -11.62
CA ILE A 241 -0.84 -16.16 -12.72
C ILE A 241 0.64 -16.18 -13.07
N VAL A 242 0.95 -16.51 -14.32
CA VAL A 242 2.32 -16.65 -14.76
C VAL A 242 2.69 -15.49 -15.69
N THR A 243 3.69 -14.72 -15.28
CA THR A 243 4.09 -13.54 -16.02
C THR A 243 5.53 -13.68 -16.48
N LEU A 244 5.72 -13.56 -17.79
CA LEU A 244 7.03 -13.57 -18.41
C LEU A 244 7.46 -12.13 -18.75
N GLU A 245 8.55 -11.67 -18.15
CA GLU A 245 9.07 -10.31 -18.37
C GLU A 245 10.40 -10.37 -19.13
N PRO A 246 10.71 -9.30 -19.89
CA PRO A 246 9.89 -8.10 -20.06
C PRO A 246 8.67 -8.40 -20.93
N ARG A 247 7.50 -7.93 -20.49
CA ARG A 247 6.26 -8.22 -21.19
C ARG A 247 6.17 -7.56 -22.58
N ARG A 248 5.47 -8.23 -23.49
CA ARG A 248 5.19 -7.69 -24.81
C ARG A 248 6.43 -7.61 -25.71
N ARG A 249 7.13 -8.74 -25.82
CA ARG A 249 8.26 -8.86 -26.72
C ARG A 249 8.08 -10.08 -27.61
N LYS A 250 8.53 -9.99 -28.85
CA LYS A 250 8.45 -11.13 -29.75
C LYS A 250 9.74 -11.93 -29.69
N PHE A 251 9.59 -13.25 -29.68
CA PHE A 251 10.74 -14.17 -29.74
C PHE A 251 10.79 -14.78 -31.14
N HIS A 252 11.99 -15.13 -31.58
CA HIS A 252 12.17 -15.62 -32.94
C HIS A 252 11.89 -17.12 -33.05
N LYS A 253 11.73 -17.77 -31.90
CA LYS A 253 11.25 -19.15 -31.86
C LYS A 253 10.31 -19.35 -30.67
N PRO A 254 9.35 -20.28 -30.80
CA PRO A 254 8.35 -20.54 -29.76
C PRO A 254 8.94 -20.90 -28.39
N ILE A 255 8.49 -20.19 -27.36
CA ILE A 255 8.85 -20.48 -25.98
C ILE A 255 7.83 -21.48 -25.45
N THR A 256 8.30 -22.47 -24.70
CA THR A 256 7.38 -23.48 -24.16
C THR A 256 7.08 -23.29 -22.67
N MET A 257 5.83 -22.93 -22.38
CA MET A 257 5.38 -22.69 -21.00
C MET A 257 4.83 -23.95 -20.37
N THR A 258 5.09 -24.11 -19.07
CA THR A 258 4.41 -25.13 -18.28
C THR A 258 3.74 -24.48 -17.08
N ILE A 259 2.49 -24.85 -16.86
CA ILE A 259 1.70 -24.31 -15.75
C ILE A 259 0.84 -25.41 -15.16
N PRO A 260 0.79 -25.51 -13.82
CA PRO A 260 -0.09 -26.49 -13.18
C PRO A 260 -1.54 -26.15 -13.47
N VAL A 261 -2.39 -27.16 -13.64
CA VAL A 261 -3.81 -26.95 -13.84
C VAL A 261 -4.46 -26.40 -12.57
N PRO A 262 -5.59 -25.71 -12.71
CA PRO A 262 -6.28 -25.18 -11.54
C PRO A 262 -6.63 -26.25 -10.51
N LYS A 263 -6.94 -25.82 -9.30
CA LYS A 263 -7.41 -26.69 -8.24
C LYS A 263 -8.50 -27.67 -8.73
N ALA A 264 -8.22 -28.96 -8.57
CA ALA A 264 -9.18 -30.04 -8.82
C ALA A 264 -9.56 -30.16 -10.29
N SER A 265 -8.74 -29.57 -11.15
CA SER A 265 -9.01 -29.57 -12.57
C SER A 265 -8.10 -30.60 -13.23
N GLY A 266 -8.02 -30.51 -14.56
CA GLY A 266 -7.19 -31.40 -15.35
C GLY A 266 -7.61 -31.26 -16.80
N ASP A 267 -7.49 -32.34 -17.55
CA ASP A 267 -7.90 -32.31 -18.94
C ASP A 267 -9.43 -32.41 -19.00
N ALA A 268 -10.08 -31.26 -19.12
CA ALA A 268 -11.53 -31.17 -19.02
C ALA A 268 -12.06 -30.08 -19.93
N PRO A 269 -13.32 -30.21 -20.38
CA PRO A 269 -13.90 -29.24 -21.32
C PRO A 269 -14.02 -27.86 -20.69
N THR A 270 -14.05 -27.81 -19.36
CA THR A 270 -14.16 -26.53 -18.66
C THR A 270 -12.82 -25.77 -18.50
N LEU A 271 -11.72 -26.35 -18.96
CA LEU A 271 -10.41 -25.73 -18.76
C LEU A 271 -10.09 -24.75 -19.88
N ARG A 272 -9.74 -23.52 -19.53
CA ARG A 272 -9.42 -22.51 -20.55
C ARG A 272 -8.11 -21.79 -20.23
N LEU A 273 -7.34 -21.48 -21.27
CA LEU A 273 -6.11 -20.70 -21.12
C LEU A 273 -6.34 -19.25 -21.48
N LEU A 274 -6.05 -18.37 -20.53
CA LEU A 274 -6.21 -16.95 -20.75
C LEU A 274 -4.84 -16.31 -20.88
N CYS A 275 -4.79 -15.23 -21.65
CA CYS A 275 -3.55 -14.52 -21.89
C CYS A 275 -3.83 -13.03 -21.92
N SER A 276 -2.95 -12.25 -21.31
CA SER A 276 -2.99 -10.81 -21.46
C SER A 276 -1.65 -10.39 -22.01
N ILE A 277 -1.67 -9.62 -23.09
CA ILE A 277 -0.45 -9.20 -23.76
C ILE A 277 -0.04 -7.75 -23.52
N THR A 278 -0.78 -7.04 -22.68
CA THR A 278 -0.51 -5.63 -22.44
C THR A 278 0.89 -5.41 -21.86
N GLY A 279 1.41 -4.20 -22.01
CA GLY A 279 2.76 -3.90 -21.58
C GLY A 279 2.87 -2.76 -20.58
N GLY A 280 4.06 -2.61 -20.00
CA GLY A 280 4.34 -1.52 -19.10
C GLY A 280 3.33 -1.36 -17.98
N THR A 281 2.80 -0.15 -17.83
CA THR A 281 1.95 0.18 -16.71
C THR A 281 0.46 0.09 -17.06
N THR A 282 0.14 -0.32 -18.27
CA THR A 282 -1.27 -0.48 -18.65
C THR A 282 -1.88 -1.73 -18.01
N PRO A 283 -3.16 -1.64 -17.62
CA PRO A 283 -3.86 -2.74 -16.95
C PRO A 283 -4.01 -3.95 -17.85
N ALA A 284 -3.85 -5.13 -17.26
CA ALA A 284 -4.04 -6.38 -17.98
C ALA A 284 -5.39 -6.42 -18.71
N GLN A 285 -5.43 -7.05 -19.88
CA GLN A 285 -6.69 -7.35 -20.55
C GLN A 285 -6.69 -8.82 -20.92
N TRP A 286 -7.44 -9.62 -20.18
CA TRP A 286 -7.42 -11.06 -20.38
C TRP A 286 -8.25 -11.46 -21.61
N GLU A 287 -7.75 -12.44 -22.36
CA GLU A 287 -8.47 -12.97 -23.50
C GLU A 287 -8.34 -14.49 -23.51
N ASP A 288 -9.40 -15.17 -23.93
CA ASP A 288 -9.41 -16.62 -24.04
C ASP A 288 -8.75 -17.06 -25.35
N ILE A 289 -7.59 -17.69 -25.26
CA ILE A 289 -6.82 -18.12 -26.43
C ILE A 289 -6.77 -19.65 -26.53
N THR A 290 -7.69 -20.31 -25.85
CA THR A 290 -7.69 -21.77 -25.84
C THR A 290 -7.84 -22.32 -27.25
N GLY A 291 -8.73 -21.69 -28.03
CA GLY A 291 -9.07 -22.18 -29.35
C GLY A 291 -7.96 -22.10 -30.39
N THR A 292 -6.91 -21.33 -30.10
CA THR A 292 -5.79 -21.18 -31.02
C THR A 292 -4.48 -21.72 -30.43
N THR A 293 -4.57 -22.36 -29.27
CA THR A 293 -3.39 -22.80 -28.55
C THR A 293 -3.51 -24.27 -28.19
N PRO A 294 -2.76 -25.14 -28.88
CA PRO A 294 -2.74 -26.56 -28.51
C PRO A 294 -2.15 -26.77 -27.11
N LEU A 295 -2.81 -27.59 -26.29
CA LEU A 295 -2.35 -27.84 -24.93
C LEU A 295 -1.91 -29.30 -24.74
N THR A 296 -0.75 -29.47 -24.11
CA THR A 296 -0.23 -30.78 -23.79
C THR A 296 -0.34 -31.01 -22.28
N PHE A 297 -0.87 -32.15 -21.89
CA PHE A 297 -1.01 -32.46 -20.47
C PHE A 297 0.03 -33.47 -20.02
N VAL A 298 0.73 -33.12 -18.93
CA VAL A 298 1.78 -33.96 -18.38
C VAL A 298 1.93 -33.70 -16.88
N ASN A 299 1.82 -34.76 -16.07
CA ASN A 299 2.02 -34.64 -14.63
C ASN A 299 1.16 -33.54 -14.02
N GLU A 300 -0.15 -33.60 -14.27
CA GLU A 300 -1.09 -32.56 -13.87
C GLU A 300 -0.65 -31.12 -14.17
N CYS A 301 0.21 -30.97 -15.18
CA CYS A 301 0.57 -29.65 -15.71
C CYS A 301 0.10 -29.51 -17.16
N VAL A 302 -0.07 -28.26 -17.59
CA VAL A 302 -0.37 -27.98 -18.98
C VAL A 302 0.85 -27.33 -19.62
N SER A 303 1.13 -27.73 -20.85
CA SER A 303 2.23 -27.16 -21.61
C SER A 303 1.74 -26.61 -22.95
N PHE A 304 2.31 -25.47 -23.36
CA PHE A 304 1.93 -24.86 -24.63
C PHE A 304 3.01 -23.87 -25.06
N THR A 305 2.93 -23.37 -26.28
CA THR A 305 3.94 -22.42 -26.75
C THR A 305 3.37 -21.04 -27.02
N THR A 306 4.25 -20.04 -26.96
CA THR A 306 3.89 -18.66 -27.22
C THR A 306 5.03 -18.00 -27.97
N ASN A 307 4.71 -17.07 -28.87
CA ASN A 307 5.73 -16.33 -29.63
C ASN A 307 6.08 -15.00 -28.98
N VAL A 308 5.40 -14.70 -27.88
CA VAL A 308 5.56 -13.42 -27.20
C VAL A 308 5.59 -13.59 -25.70
N SER A 309 6.26 -12.68 -25.01
CA SER A 309 6.22 -12.63 -23.56
C SER A 309 4.90 -12.01 -23.14
N ALA A 310 4.25 -12.59 -22.14
CA ALA A 310 2.93 -12.11 -21.73
C ALA A 310 2.59 -12.61 -20.35
N ARG A 311 1.32 -12.44 -19.98
CA ARG A 311 0.77 -13.04 -18.78
C ARG A 311 -0.16 -14.19 -19.18
N PHE A 312 -0.01 -15.34 -18.50
CA PHE A 312 -0.86 -16.49 -18.75
C PHE A 312 -1.56 -16.94 -17.48
N TRP A 313 -2.77 -17.47 -17.66
CA TRP A 313 -3.62 -17.82 -16.53
C TRP A 313 -4.61 -18.90 -16.96
N LEU A 314 -4.59 -20.04 -16.27
CA LEU A 314 -5.56 -21.11 -16.54
C LEU A 314 -6.77 -20.94 -15.64
N ILE A 315 -7.94 -21.06 -16.24
CA ILE A 315 -9.17 -21.01 -15.47
C ILE A 315 -9.96 -22.30 -15.75
N ASP A 316 -10.56 -22.88 -14.72
CA ASP A 316 -11.51 -23.97 -14.91
C ASP A 316 -12.84 -23.47 -14.39
N CYS A 317 -13.81 -23.28 -15.27
CA CYS A 317 -15.12 -22.85 -14.80
C CYS A 317 -16.25 -23.46 -15.61
N ARG A 318 -17.41 -23.58 -14.96
CA ARG A 318 -18.58 -24.22 -15.55
C ARG A 318 -19.05 -23.54 -16.82
N GLN A 319 -19.18 -22.22 -16.78
CA GLN A 319 -19.64 -21.43 -17.93
C GLN A 319 -18.46 -20.87 -18.68
N ILE A 320 -17.96 -21.60 -19.67
CA ILE A 320 -16.72 -21.16 -20.28
C ILE A 320 -16.85 -19.84 -21.06
N GLN A 321 -18.07 -19.46 -21.43
CA GLN A 321 -18.30 -18.19 -22.11
C GLN A 321 -18.09 -17.00 -21.15
N GLU A 322 -18.02 -17.29 -19.85
CA GLU A 322 -17.84 -16.25 -18.83
C GLU A 322 -16.40 -16.21 -18.32
N SER A 323 -15.51 -16.95 -18.97
CA SER A 323 -14.13 -17.08 -18.52
C SER A 323 -13.52 -15.73 -18.20
N VAL A 324 -13.49 -14.85 -19.20
CA VAL A 324 -12.84 -13.55 -19.07
C VAL A 324 -13.52 -12.70 -18.02
N THR A 325 -14.85 -12.73 -17.99
CA THR A 325 -15.60 -11.99 -16.99
C THR A 325 -15.18 -12.42 -15.58
N PHE A 326 -15.13 -13.72 -15.37
CA PHE A 326 -14.75 -14.27 -14.07
C PHE A 326 -13.31 -13.88 -13.73
N ALA A 327 -12.42 -14.03 -14.70
CA ALA A 327 -11.00 -13.74 -14.49
C ALA A 327 -10.77 -12.27 -14.16
N SER A 328 -11.47 -11.37 -14.85
CA SER A 328 -11.30 -9.94 -14.61
C SER A 328 -11.76 -9.49 -13.23
N GLN A 329 -12.86 -10.07 -12.73
CA GLN A 329 -13.33 -9.75 -11.38
C GLN A 329 -12.29 -10.14 -10.32
N VAL A 330 -11.75 -11.35 -10.45
CA VAL A 330 -10.77 -11.87 -9.52
C VAL A 330 -9.48 -11.05 -9.62
N TYR A 331 -9.01 -10.86 -10.85
CA TYR A 331 -7.75 -10.16 -11.08
C TYR A 331 -7.73 -8.77 -10.48
N ARG A 332 -8.80 -8.01 -10.67
CA ARG A 332 -8.91 -6.65 -10.13
C ARG A 332 -8.69 -6.61 -8.63
N GLU A 333 -8.93 -7.73 -7.97
CA GLU A 333 -8.83 -7.77 -6.52
C GLU A 333 -7.43 -8.18 -6.15
N ILE A 334 -6.97 -9.29 -6.71
CA ILE A 334 -5.75 -9.93 -6.24
C ILE A 334 -4.48 -9.30 -6.78
N ILE A 335 -4.62 -8.28 -7.63
CA ILE A 335 -3.44 -7.57 -8.10
C ILE A 335 -3.07 -6.43 -7.17
N CYS A 336 -3.98 -6.08 -6.28
CA CYS A 336 -3.77 -5.00 -5.33
C CYS A 336 -2.71 -5.42 -4.31
N VAL A 337 -1.72 -4.56 -4.11
CA VAL A 337 -0.66 -4.85 -3.15
C VAL A 337 -1.21 -4.86 -1.73
N PRO A 338 -0.95 -5.95 -0.98
CA PRO A 338 -1.38 -6.12 0.40
C PRO A 338 -0.40 -5.46 1.36
N TYR A 339 -0.91 -4.65 2.28
CA TYR A 339 -0.09 -3.92 3.25
C TYR A 339 -0.48 -4.32 4.66
N MET A 340 0.45 -4.15 5.60
CA MET A 340 0.15 -4.32 7.01
C MET A 340 -0.13 -2.95 7.62
N ALA A 341 -1.34 -2.78 8.13
CA ALA A 341 -1.76 -1.49 8.65
C ALA A 341 -2.42 -1.63 10.01
N LYS A 342 -2.64 -0.51 10.67
CA LYS A 342 -3.37 -0.50 11.92
C LYS A 342 -4.62 0.35 11.80
N PHE A 343 -5.69 -0.08 12.46
CA PHE A 343 -6.84 0.77 12.69
C PHE A 343 -6.72 1.45 14.06
N VAL A 344 -6.93 2.76 14.09
CA VAL A 344 -6.84 3.55 15.32
C VAL A 344 -8.06 4.44 15.38
N VAL A 345 -8.70 4.50 16.54
CA VAL A 345 -9.93 5.25 16.71
C VAL A 345 -9.81 6.33 17.77
N PHE A 346 -10.23 7.53 17.42
CA PHE A 346 -10.19 8.66 18.33
C PHE A 346 -11.63 9.07 18.60
N ALA A 347 -11.88 9.58 19.80
CA ALA A 347 -13.23 9.96 20.20
C ALA A 347 -13.24 11.25 21.01
N LYS A 348 -14.29 12.03 20.80
CA LYS A 348 -14.55 13.23 21.57
C LYS A 348 -16.02 13.22 21.91
N SER A 349 -16.36 13.52 23.16
CA SER A 349 -17.75 13.57 23.58
C SER A 349 -18.36 14.94 23.39
N HIS A 350 -19.07 15.08 22.28
CA HIS A 350 -19.67 16.33 21.83
C HIS A 350 -20.69 16.86 22.82
N ASP A 351 -21.38 15.94 23.50
CA ASP A 351 -22.33 16.28 24.56
C ASP A 351 -22.81 15.01 25.28
N PRO A 352 -23.82 15.13 26.16
CA PRO A 352 -24.24 13.93 26.92
C PRO A 352 -24.62 12.73 26.05
N ILE A 353 -25.30 12.96 24.94
CA ILE A 353 -25.77 11.87 24.08
C ILE A 353 -24.91 11.63 22.84
N GLU A 354 -24.35 12.70 22.27
CA GLU A 354 -23.61 12.60 21.02
C GLU A 354 -22.10 12.65 21.22
N ALA A 355 -21.39 11.78 20.49
CA ALA A 355 -19.93 11.83 20.45
C ALA A 355 -19.46 11.71 18.99
N ARG A 356 -18.22 12.14 18.75
CA ARG A 356 -17.64 12.11 17.41
C ARG A 356 -16.44 11.17 17.39
N LEU A 357 -16.42 10.28 16.41
CA LEU A 357 -15.29 9.39 16.20
C LEU A 357 -14.50 9.81 14.96
N ARG A 358 -13.19 9.60 15.02
CA ARG A 358 -12.34 9.66 13.84
C ARG A 358 -11.64 8.33 13.73
N CYS A 359 -11.89 7.61 12.65
CA CYS A 359 -11.24 6.34 12.45
C CYS A 359 -10.14 6.50 11.42
N PHE A 360 -8.97 5.93 11.69
CA PHE A 360 -7.88 5.96 10.73
C PHE A 360 -7.44 4.54 10.40
N CYS A 361 -7.02 4.34 9.15
CA CYS A 361 -6.37 3.10 8.77
C CYS A 361 -5.06 3.48 8.11
N MET A 362 -3.95 3.14 8.76
CA MET A 362 -2.67 3.59 8.25
C MET A 362 -1.52 2.63 8.44
N THR A 363 -0.53 2.77 7.57
CA THR A 363 0.76 2.15 7.75
C THR A 363 1.46 2.85 8.90
N ASP A 364 1.67 2.13 9.99
CA ASP A 364 2.17 2.71 11.23
C ASP A 364 3.68 2.92 11.16
N ASP A 365 4.11 3.91 10.37
CA ASP A 365 5.53 4.09 10.08
C ASP A 365 6.09 5.33 10.77
N LYS A 366 5.24 6.01 11.55
CA LYS A 366 5.67 7.13 12.38
C LYS A 366 5.96 8.43 11.62
N VAL A 367 5.84 8.43 10.30
CA VAL A 367 6.11 9.64 9.53
C VAL A 367 5.00 10.70 9.66
N ASP A 368 3.77 10.31 9.39
CA ASP A 368 2.65 11.24 9.54
C ASP A 368 2.49 11.63 11.01
N LYS A 369 2.07 12.88 11.25
CA LYS A 369 1.89 13.37 12.61
C LYS A 369 0.45 13.14 13.07
N THR A 370 -0.29 12.37 12.27
CA THR A 370 -1.71 12.12 12.51
C THR A 370 -2.07 11.80 13.96
N LEU A 371 -1.37 10.84 14.55
CA LEU A 371 -1.69 10.37 15.90
C LEU A 371 -1.37 11.41 16.99
N GLU A 372 -0.77 12.52 16.60
CA GLU A 372 -0.46 13.60 17.52
C GLU A 372 -1.32 14.82 17.18
N GLN A 373 -1.92 14.79 15.99
CA GLN A 373 -2.68 15.92 15.47
C GLN A 373 -4.13 15.91 15.97
N GLN A 374 -4.47 14.95 16.82
CA GLN A 374 -5.85 14.80 17.28
C GLN A 374 -6.10 15.47 18.63
N GLU A 375 -5.61 16.69 18.78
CA GLU A 375 -5.89 17.46 19.98
C GLU A 375 -7.41 17.57 20.16
N ASN A 376 -7.86 17.48 21.41
CA ASN A 376 -9.29 17.52 21.75
C ASN A 376 -9.96 16.15 21.77
N PHE A 377 -9.26 15.15 21.25
CA PHE A 377 -9.80 13.79 21.15
C PHE A 377 -8.97 12.90 22.04
N ALA A 378 -9.56 11.81 22.49
CA ALA A 378 -8.79 10.76 23.13
C ALA A 378 -8.72 9.60 22.16
N GLU A 379 -7.59 8.88 22.14
CA GLU A 379 -7.55 7.59 21.46
C GLU A 379 -8.32 6.58 22.29
N VAL A 380 -9.19 5.80 21.64
CA VAL A 380 -10.02 4.85 22.37
C VAL A 380 -9.81 3.40 21.96
N ALA A 381 -9.04 3.18 20.89
CA ALA A 381 -8.80 1.85 20.40
C ALA A 381 -7.74 1.84 19.31
N ARG A 382 -7.01 0.73 19.23
CA ARG A 382 -5.91 0.58 18.30
C ARG A 382 -5.75 -0.91 18.06
N SER A 383 -5.77 -1.31 16.79
CA SER A 383 -5.68 -2.71 16.46
C SER A 383 -4.23 -3.14 16.36
N ARG A 384 -4.02 -4.44 16.16
CA ARG A 384 -2.72 -4.96 15.78
C ARG A 384 -2.54 -4.72 14.29
N ASP A 385 -1.33 -4.97 13.79
CA ASP A 385 -1.10 -4.91 12.36
C ASP A 385 -2.03 -5.90 11.66
N VAL A 386 -2.78 -5.42 10.67
CA VAL A 386 -3.66 -6.30 9.89
C VAL A 386 -3.49 -6.05 8.40
N GLU A 387 -3.72 -7.08 7.59
CA GLU A 387 -3.54 -6.94 6.14
C GLU A 387 -4.73 -6.26 5.49
N VAL A 388 -4.45 -5.22 4.71
CA VAL A 388 -5.45 -4.51 3.93
C VAL A 388 -4.88 -4.28 2.54
N LEU A 389 -5.77 -4.23 1.54
CA LEU A 389 -5.39 -4.09 0.14
C LEU A 389 -5.31 -2.64 -0.33
N GLU A 390 -4.23 -2.31 -1.03
CA GLU A 390 -4.04 -0.97 -1.57
C GLU A 390 -5.24 -0.53 -2.42
N GLY A 391 -5.83 0.61 -2.06
CA GLY A 391 -6.85 1.25 -2.87
C GLY A 391 -8.27 0.81 -2.55
N LYS A 392 -8.41 -0.32 -1.87
CA LYS A 392 -9.74 -0.91 -1.64
C LYS A 392 -10.55 -0.20 -0.57
N PRO A 393 -11.90 -0.22 -0.73
CA PRO A 393 -12.87 0.32 0.23
C PRO A 393 -12.88 -0.46 1.53
N ILE A 394 -13.17 0.24 2.62
CA ILE A 394 -13.42 -0.41 3.90
C ILE A 394 -14.76 0.09 4.41
N TYR A 395 -15.61 -0.83 4.82
CA TYR A 395 -16.93 -0.49 5.37
C TYR A 395 -16.91 -0.59 6.89
N VAL A 396 -17.54 0.37 7.55
CA VAL A 396 -17.50 0.41 9.01
C VAL A 396 -18.91 0.36 9.58
N ASP A 397 -19.12 -0.55 10.52
CA ASP A 397 -20.39 -0.60 11.22
C ASP A 397 -20.18 -0.55 12.74
N CYS A 398 -21.20 -0.07 13.44
CA CYS A 398 -21.10 0.19 14.86
C CYS A 398 -22.24 -0.52 15.59
N PHE A 399 -21.88 -1.37 16.54
CA PHE A 399 -22.85 -2.18 17.27
C PHE A 399 -22.78 -1.88 18.77
N GLY A 400 -23.71 -2.48 19.52
CA GLY A 400 -23.73 -2.32 20.96
C GLY A 400 -24.42 -1.03 21.36
N ASN A 401 -23.88 -0.38 22.40
CA ASN A 401 -24.52 0.81 22.94
C ASN A 401 -24.16 2.14 22.26
N LEU A 402 -23.60 2.06 21.06
CA LEU A 402 -23.43 3.24 20.21
C LEU A 402 -24.14 3.03 18.87
N VAL A 403 -24.71 4.09 18.33
CA VAL A 403 -25.43 4.02 17.06
C VAL A 403 -25.02 5.15 16.14
N PRO A 404 -24.62 4.82 14.91
CA PRO A 404 -24.23 5.84 13.94
C PRO A 404 -25.42 6.71 13.59
N LEU A 405 -25.19 7.99 13.39
CA LEU A 405 -26.23 8.85 12.85
C LEU A 405 -26.21 8.75 11.33
N THR A 406 -27.23 8.09 10.77
CA THR A 406 -27.32 7.89 9.33
C THR A 406 -28.77 7.80 8.88
N GLN A 410 -27.65 4.61 4.26
CA GLN A 410 -26.37 4.56 3.55
C GLN A 410 -25.28 3.94 4.43
N HIS A 411 -24.12 3.71 3.84
CA HIS A 411 -23.02 3.04 4.52
C HIS A 411 -21.85 3.98 4.85
N HIS A 412 -20.96 3.52 5.73
CA HIS A 412 -19.80 4.32 6.13
C HIS A 412 -18.51 3.75 5.54
N ILE A 413 -17.95 4.49 4.58
CA ILE A 413 -16.89 3.97 3.74
C ILE A 413 -15.72 4.92 3.61
N PHE A 414 -14.52 4.37 3.71
CA PHE A 414 -13.33 5.08 3.27
C PHE A 414 -12.41 4.08 2.60
N SER A 415 -11.35 4.58 1.96
CA SER A 415 -10.44 3.68 1.29
C SER A 415 -9.07 3.72 1.95
N PHE A 416 -8.34 2.62 1.85
CA PHE A 416 -6.97 2.58 2.32
C PHE A 416 -5.96 2.82 1.21
N PHE A 417 -5.05 3.76 1.44
CA PHE A 417 -3.88 3.94 0.60
C PHE A 417 -2.65 3.97 1.51
N ALA A 418 -1.62 3.21 1.15
CA ALA A 418 -0.41 3.13 1.96
C ALA A 418 0.27 4.50 2.03
N PHE A 419 0.79 4.82 3.21
CA PHE A 419 1.61 6.02 3.38
C PHE A 419 0.81 7.29 3.17
N LYS A 420 -0.49 7.19 3.44
CA LYS A 420 -1.39 8.31 3.34
C LYS A 420 -2.32 8.31 4.55
N GLU A 421 -2.76 9.49 4.96
CA GLU A 421 -3.74 9.59 6.04
C GLU A 421 -5.10 9.18 5.48
N ASN A 422 -5.61 8.03 5.93
CA ASN A 422 -6.94 7.57 5.51
C ASN A 422 -7.90 7.69 6.69
N ARG A 423 -8.89 8.55 6.52
CA ARG A 423 -9.66 9.05 7.63
C ARG A 423 -11.17 8.93 7.40
N LEU A 424 -11.88 8.49 8.44
CA LEU A 424 -13.33 8.40 8.39
C LEU A 424 -13.96 8.97 9.65
N PRO A 425 -14.68 10.08 9.53
CA PRO A 425 -15.48 10.62 10.64
C PRO A 425 -16.76 9.81 10.86
N LEU A 426 -17.11 9.55 12.12
CA LEU A 426 -18.37 8.92 12.46
C LEU A 426 -19.05 9.69 13.59
N PHE A 427 -20.27 10.14 13.36
CA PHE A 427 -21.08 10.73 14.42
C PHE A 427 -21.95 9.63 15.03
N VAL A 428 -21.78 9.39 16.32
CA VAL A 428 -22.56 8.35 16.99
C VAL A 428 -23.39 8.89 18.14
N LYS A 429 -24.39 8.12 18.56
CA LYS A 429 -25.16 8.44 19.76
C LYS A 429 -25.18 7.26 20.71
N VAL A 430 -25.27 7.54 22.00
CA VAL A 430 -25.46 6.48 22.99
C VAL A 430 -26.86 5.91 22.77
N ARG A 431 -26.96 4.58 22.69
CA ARG A 431 -28.26 3.94 22.47
C ARG A 431 -29.10 3.97 23.74
N ASP A 432 -28.54 3.41 24.81
CA ASP A 432 -29.19 3.42 26.12
C ASP A 432 -28.35 4.16 27.14
N THR A 433 -28.81 5.34 27.55
CA THR A 433 -28.08 6.16 28.52
C THR A 433 -27.96 5.48 29.90
N THR A 434 -28.80 4.50 30.18
CA THR A 434 -28.73 3.78 31.45
C THR A 434 -27.56 2.78 31.48
N GLN A 435 -26.76 2.78 30.42
CA GLN A 435 -25.61 1.89 30.34
C GLN A 435 -24.35 2.68 29.98
N GLU A 436 -23.17 2.10 30.26
CA GLU A 436 -21.90 2.72 29.91
C GLU A 436 -21.86 3.06 28.42
N PRO A 437 -21.32 4.24 28.07
CA PRO A 437 -21.22 4.70 26.68
C PRO A 437 -20.12 3.95 25.94
N CYS A 438 -20.40 2.71 25.57
CA CYS A 438 -19.45 1.87 24.88
C CYS A 438 -20.10 1.17 23.68
N GLY A 439 -19.27 0.61 22.81
CA GLY A 439 -19.76 -0.11 21.66
C GLY A 439 -18.67 -0.91 20.99
N ARG A 440 -18.94 -1.35 19.77
CA ARG A 440 -18.01 -2.17 19.01
C ARG A 440 -18.00 -1.73 17.55
N LEU A 441 -16.81 -1.49 17.01
CA LEU A 441 -16.66 -1.12 15.62
C LEU A 441 -16.13 -2.30 14.84
N SER A 442 -16.71 -2.51 13.66
CA SER A 442 -16.23 -3.55 12.77
C SER A 442 -15.79 -2.91 11.47
N PHE A 443 -14.64 -3.37 10.98
CA PHE A 443 -14.10 -2.87 9.73
C PHE A 443 -14.07 -4.03 8.74
N MET A 444 -14.75 -3.85 7.62
CA MET A 444 -15.00 -4.96 6.69
C MET A 444 -14.62 -4.66 5.25
N LYS A 445 -14.25 -5.72 4.52
CA LYS A 445 -13.89 -5.61 3.11
C LYS A 445 -15.12 -5.37 2.24
N GLU A 446 -16.30 -5.64 2.78
CA GLU A 446 -17.53 -5.48 2.01
C GLU A 446 -18.73 -5.30 2.93
N PRO A 447 -19.85 -4.81 2.37
CA PRO A 447 -21.08 -4.64 3.16
C PRO A 447 -21.96 -5.88 3.09
N HIS A 455 -19.69 -12.59 6.88
CA HIS A 455 -18.29 -12.53 6.45
C HIS A 455 -17.36 -11.98 7.52
N GLN A 456 -16.20 -12.62 7.67
CA GLN A 456 -15.23 -12.28 8.70
C GLN A 456 -14.60 -10.90 8.49
N ALA A 457 -14.71 -10.04 9.50
CA ALA A 457 -14.22 -8.67 9.41
C ALA A 457 -12.70 -8.58 9.36
N ILE A 458 -12.19 -7.46 8.85
CA ILE A 458 -10.75 -7.19 8.89
C ILE A 458 -10.30 -7.07 10.33
N CYS A 459 -11.01 -6.28 11.12
CA CYS A 459 -10.78 -6.23 12.56
C CYS A 459 -11.96 -5.62 13.30
N ASN A 460 -12.13 -6.04 14.56
CA ASN A 460 -13.17 -5.51 15.41
C ASN A 460 -12.53 -4.79 16.59
N LEU A 461 -13.12 -3.68 17.00
CA LEU A 461 -12.57 -2.88 18.09
C LEU A 461 -13.63 -2.53 19.11
N ASN A 462 -13.36 -2.86 20.37
CA ASN A 462 -14.21 -2.41 21.46
C ASN A 462 -13.81 -1.00 21.84
N ILE A 463 -14.80 -0.12 22.01
CA ILE A 463 -14.53 1.26 22.33
C ILE A 463 -15.43 1.75 23.45
N THR A 464 -14.85 2.56 24.33
CA THR A 464 -15.61 3.25 25.36
C THR A 464 -15.28 4.72 25.18
N LEU A 465 -16.22 5.59 25.52
CA LEU A 465 -16.09 7.01 25.17
C LEU A 465 -15.60 7.86 26.34
N PRO A 466 -14.96 8.98 26.02
CA PRO A 466 -14.64 10.00 27.04
C PRO A 466 -15.95 10.67 27.41
N ILE A 467 -16.03 11.36 28.55
CA ILE A 467 -17.36 11.86 28.96
C ILE A 467 -17.54 13.37 28.84
N TYR A 468 -18.80 13.79 28.78
CA TYR A 468 -19.13 15.21 28.59
C TYR A 468 -19.46 15.95 29.90
N THR A 469 -18.71 17.02 30.17
CA THR A 469 -18.98 17.85 31.36
C THR A 469 -19.95 19.00 31.08
N GLU A 498 -21.01 35.19 15.17
CA GLU A 498 -21.77 35.04 13.94
C GLU A 498 -21.31 36.04 12.88
N GLU A 499 -21.15 37.29 13.29
CA GLU A 499 -20.70 38.33 12.38
C GLU A 499 -19.21 38.17 12.06
N ARG A 500 -18.48 37.56 12.99
CA ARG A 500 -17.05 37.34 12.80
C ARG A 500 -16.81 36.15 11.87
N LEU A 501 -17.74 35.21 11.86
CA LEU A 501 -17.67 34.08 10.94
C LEU A 501 -17.74 34.61 9.52
N ALA A 502 -18.50 35.68 9.33
CA ALA A 502 -18.58 36.35 8.03
C ALA A 502 -17.18 36.77 7.61
N TYR A 503 -16.55 37.60 8.43
CA TYR A 503 -15.20 38.08 8.16
C TYR A 503 -14.28 36.93 7.74
N ILE A 504 -14.36 35.83 8.49
CA ILE A 504 -13.54 34.66 8.22
C ILE A 504 -13.87 34.00 6.88
N ALA A 505 -15.16 33.83 6.60
CA ALA A 505 -15.59 33.30 5.31
C ALA A 505 -14.95 34.13 4.21
N ASP A 506 -14.99 35.45 4.37
CA ASP A 506 -14.46 36.37 3.37
C ASP A 506 -12.98 36.17 3.04
N HIS A 507 -12.28 35.39 3.85
CA HIS A 507 -10.85 35.18 3.63
C HIS A 507 -10.48 33.74 3.31
N LEU A 508 -11.47 32.85 3.31
CA LEU A 508 -11.20 31.44 3.04
C LEU A 508 -10.77 31.18 1.60
N GLY A 509 -11.47 31.79 0.63
CA GLY A 509 -11.18 31.52 -0.77
C GLY A 509 -11.17 30.01 -0.97
N PHE A 510 -10.15 29.50 -1.65
CA PHE A 510 -10.08 28.06 -1.94
C PHE A 510 -9.92 27.20 -0.68
N SER A 511 -9.63 27.83 0.44
CA SER A 511 -9.44 27.09 1.70
C SER A 511 -10.71 26.42 2.22
N TRP A 512 -11.87 26.81 1.71
CA TRP A 512 -13.11 26.34 2.35
C TRP A 512 -13.30 24.83 2.26
N THR A 513 -12.92 24.21 1.15
CA THR A 513 -13.10 22.77 1.02
C THR A 513 -12.19 22.00 1.97
N GLU A 514 -10.97 22.49 2.17
CA GLU A 514 -10.04 21.87 3.11
C GLU A 514 -10.55 22.04 4.53
N LEU A 515 -11.05 23.23 4.85
CA LEU A 515 -11.63 23.47 6.18
C LEU A 515 -12.75 22.48 6.46
N ALA A 516 -13.67 22.35 5.51
CA ALA A 516 -14.80 21.43 5.63
C ALA A 516 -14.35 20.03 6.02
N ARG A 517 -13.36 19.51 5.29
CA ARG A 517 -12.81 18.19 5.59
C ARG A 517 -12.30 18.11 7.02
N GLU A 518 -11.57 19.14 7.47
CA GLU A 518 -11.12 19.19 8.85
C GLU A 518 -12.27 19.34 9.84
N LEU A 519 -13.44 19.77 9.35
CA LEU A 519 -14.60 19.93 10.20
C LEU A 519 -15.52 18.71 10.12
N ASP A 520 -15.06 17.70 9.40
CA ASP A 520 -15.76 16.40 9.34
C ASP A 520 -16.99 16.38 8.43
N PHE A 521 -17.02 17.27 7.44
CA PHE A 521 -18.06 17.24 6.41
C PHE A 521 -17.71 16.21 5.32
N THR A 522 -18.72 15.48 4.84
CA THR A 522 -18.50 14.51 3.78
C THR A 522 -18.28 15.23 2.46
N GLU A 523 -17.82 14.47 1.46
CA GLU A 523 -17.62 15.03 0.12
C GLU A 523 -18.95 15.37 -0.53
N GLU A 524 -19.98 14.59 -0.21
CA GLU A 524 -21.33 14.83 -0.74
C GLU A 524 -21.82 16.19 -0.27
N GLN A 525 -21.48 16.53 0.97
CA GLN A 525 -21.91 17.79 1.54
C GLN A 525 -21.16 18.95 0.88
N ILE A 526 -19.91 18.71 0.49
CA ILE A 526 -19.11 19.73 -0.19
C ILE A 526 -19.72 20.05 -1.56
N HIS A 527 -20.01 19.02 -2.36
CA HIS A 527 -20.70 19.20 -3.63
C HIS A 527 -22.00 19.98 -3.42
N GLN A 528 -22.68 19.65 -2.33
CA GLN A 528 -23.98 20.22 -2.04
C GLN A 528 -23.88 21.73 -1.85
N ILE A 529 -22.89 22.14 -1.04
CA ILE A 529 -22.64 23.55 -0.78
C ILE A 529 -22.27 24.30 -2.05
N ARG A 530 -21.53 23.64 -2.93
CA ARG A 530 -21.19 24.21 -4.24
C ARG A 530 -22.42 24.42 -5.12
N ILE A 531 -23.27 23.40 -5.23
CA ILE A 531 -24.46 23.48 -6.06
C ILE A 531 -25.38 24.62 -5.60
N GLU A 532 -25.43 24.81 -4.29
CA GLU A 532 -26.28 25.82 -3.69
C GLU A 532 -25.68 27.22 -3.78
N ASN A 533 -24.39 27.30 -4.09
CA ASN A 533 -23.68 28.58 -4.13
C ASN A 533 -22.75 28.67 -5.34
N PRO A 534 -23.33 28.58 -6.54
CA PRO A 534 -22.57 28.44 -7.79
C PRO A 534 -21.53 29.55 -7.99
N ASN A 535 -20.35 29.14 -8.47
CA ASN A 535 -19.31 30.07 -8.93
C ASN A 535 -19.00 31.21 -7.97
N SER A 536 -18.90 30.89 -6.68
CA SER A 536 -18.54 31.90 -5.70
C SER A 536 -17.84 31.28 -4.49
N LEU A 537 -16.53 31.51 -4.37
CA LEU A 537 -15.78 31.01 -3.23
C LEU A 537 -16.34 31.62 -1.94
N GLN A 538 -16.65 32.91 -1.99
CA GLN A 538 -17.23 33.60 -0.84
C GLN A 538 -18.58 33.06 -0.41
N ASP A 539 -19.49 32.88 -1.37
CA ASP A 539 -20.82 32.34 -1.07
C ASP A 539 -20.69 30.95 -0.45
N GLN A 540 -19.78 30.15 -1.00
CA GLN A 540 -19.57 28.79 -0.51
C GLN A 540 -18.95 28.80 0.89
N SER A 541 -18.05 29.76 1.13
CA SER A 541 -17.40 29.90 2.43
C SER A 541 -18.42 30.24 3.51
N HIS A 542 -19.28 31.21 3.24
CA HIS A 542 -20.35 31.58 4.16
C HIS A 542 -21.22 30.38 4.47
N ALA A 543 -21.66 29.70 3.41
CA ALA A 543 -22.56 28.56 3.55
C ALA A 543 -21.96 27.49 4.47
N LEU A 544 -20.67 27.21 4.31
CA LEU A 544 -19.99 26.20 5.11
C LEU A 544 -20.07 26.51 6.60
N LEU A 545 -19.68 27.71 6.98
CA LEU A 545 -19.62 28.09 8.38
C LEU A 545 -21.02 28.15 8.99
N LYS A 546 -22.00 28.55 8.18
CA LYS A 546 -23.38 28.60 8.62
C LYS A 546 -23.91 27.20 8.91
N TYR A 547 -23.53 26.25 8.06
CA TYR A 547 -23.92 24.86 8.27
C TYR A 547 -23.19 24.31 9.49
N TRP A 548 -21.93 24.72 9.65
CA TRP A 548 -21.15 24.30 10.80
C TRP A 548 -21.79 24.72 12.11
N LEU A 549 -22.19 25.99 12.18
CA LEU A 549 -22.81 26.54 13.38
C LEU A 549 -24.15 25.88 13.68
N GLU A 550 -24.87 25.49 12.64
CA GLU A 550 -26.13 24.76 12.79
C GLU A 550 -25.84 23.34 13.26
N ARG A 551 -24.96 22.66 12.54
CA ARG A 551 -24.64 21.27 12.85
C ARG A 551 -24.13 21.11 14.28
N ASP A 552 -23.29 22.04 14.73
CA ASP A 552 -22.57 21.90 15.99
C ASP A 552 -23.12 22.70 17.16
N GLY A 553 -23.89 23.74 16.86
CA GLY A 553 -24.45 24.58 17.91
C GLY A 553 -23.41 25.19 18.83
N LYS A 554 -23.43 24.81 20.10
CA LYS A 554 -22.59 25.43 21.12
C LYS A 554 -21.11 25.06 21.01
N HIS A 555 -20.83 23.83 20.60
CA HIS A 555 -19.45 23.34 20.58
C HIS A 555 -18.60 23.94 19.47
N ALA A 556 -19.11 24.96 18.79
CA ALA A 556 -18.41 25.55 17.66
C ALA A 556 -17.74 26.88 18.01
N THR A 557 -16.69 26.85 18.82
CA THR A 557 -15.99 28.05 19.22
C THR A 557 -14.81 28.36 18.30
N ASP A 558 -14.04 29.38 18.66
CA ASP A 558 -12.92 29.83 17.86
C ASP A 558 -11.77 28.84 17.93
N THR A 559 -11.57 28.25 19.09
CA THR A 559 -10.45 27.33 19.33
C THR A 559 -10.45 26.18 18.34
N ASN A 560 -11.64 25.66 18.04
CA ASN A 560 -11.79 24.64 17.01
C ASN A 560 -11.33 25.20 15.67
N LEU A 561 -12.01 26.25 15.23
CA LEU A 561 -11.71 26.89 13.97
C LEU A 561 -10.22 27.17 13.86
N VAL A 562 -9.66 27.83 14.88
CA VAL A 562 -8.24 28.15 14.91
C VAL A 562 -7.37 26.90 14.68
N GLU A 563 -7.80 25.78 15.23
CA GLU A 563 -7.08 24.52 15.07
C GLU A 563 -7.03 24.12 13.61
N CYS A 564 -8.21 24.01 13.00
CA CYS A 564 -8.33 23.59 11.61
C CYS A 564 -7.62 24.58 10.67
N LEU A 565 -7.82 25.87 10.93
CA LEU A 565 -7.20 26.91 10.11
C LEU A 565 -5.69 26.76 10.08
N THR A 566 -5.12 26.51 11.25
CA THR A 566 -3.69 26.28 11.38
C THR A 566 -3.29 25.02 10.61
N LYS A 567 -4.15 24.01 10.68
CA LYS A 567 -3.90 22.75 9.99
C LYS A 567 -3.91 22.88 8.46
N ILE A 568 -4.75 23.77 7.94
CA ILE A 568 -4.82 23.98 6.50
C ILE A 568 -3.95 25.16 6.07
N ASN A 569 -2.92 25.47 6.85
CA ASN A 569 -1.98 26.52 6.49
C ASN A 569 -2.63 27.88 6.21
N ARG A 570 -3.58 28.28 7.04
CA ARG A 570 -4.17 29.62 6.92
C ARG A 570 -3.88 30.44 8.18
N MET A 571 -2.61 30.49 8.55
CA MET A 571 -2.22 31.21 9.76
C MET A 571 -2.63 32.66 9.65
N ASP A 572 -2.62 33.17 8.42
CA ASP A 572 -2.96 34.56 8.16
C ASP A 572 -4.33 34.93 8.70
N ILE A 573 -5.28 33.99 8.62
CA ILE A 573 -6.64 34.24 9.09
C ILE A 573 -6.72 34.25 10.61
N VAL A 574 -5.91 33.40 11.24
CA VAL A 574 -5.84 33.35 12.70
C VAL A 574 -5.65 34.76 13.29
N HIS A 575 -5.16 35.68 12.45
CA HIS A 575 -4.96 37.06 12.85
C HIS A 575 -6.04 37.96 12.24
#